data_4MYY
#
_entry.id   4MYY
#
_cell.length_a   36.752
_cell.length_b   36.752
_cell.length_c   187.257
_cell.angle_alpha   90.00
_cell.angle_beta   90.00
_cell.angle_gamma   120.00
#
_symmetry.space_group_name_H-M   'P 31 2 1'
#
loop_
_entity.id
_entity.type
_entity.pdbx_description
1 polymer 'CurG, CurH fusion protein'
2 non-polymer 'SULFATE ION'
3 water water
#
_entity_poly.entity_id   1
_entity_poly.type   'polypeptide(L)'
_entity_poly.pdbx_seq_one_letter_code
;NSALEAKLLDEIKQSSNQELESSIDQILESIINGGGSGGGSMLNKFTKKEQILSEKQQIKQLSPLQRAALALKKLETKLN
NTLHE
;
_entity_poly.pdbx_strand_id   A,B
#
loop_
_chem_comp.id
_chem_comp.type
_chem_comp.name
_chem_comp.formula
SO4 non-polymer 'SULFATE ION' 'O4 S -2'
#
# COMPACT_ATOMS: atom_id res chain seq x y z
N SER A 2 -8.74 13.51 -7.24
CA SER A 2 -9.44 13.68 -5.94
C SER A 2 -9.11 12.54 -4.97
N ALA A 3 -9.19 11.30 -5.45
CA ALA A 3 -8.82 10.11 -4.68
C ALA A 3 -7.30 9.98 -4.64
N LEU A 4 -6.66 10.21 -5.79
CA LEU A 4 -5.21 10.34 -5.86
C LEU A 4 -4.87 11.75 -6.28
N GLU A 5 -4.41 12.55 -5.33
CA GLU A 5 -3.97 13.90 -5.62
C GLU A 5 -2.82 13.93 -6.62
N ALA A 6 -2.80 14.97 -7.46
CA ALA A 6 -1.78 15.11 -8.47
C ALA A 6 -0.40 15.19 -7.83
N LYS A 7 -0.32 15.77 -6.63
CA LYS A 7 0.96 15.89 -5.93
C LYS A 7 1.57 14.53 -5.68
N LEU A 8 0.71 13.58 -5.34
CA LEU A 8 1.11 12.20 -5.07
C LEU A 8 1.51 11.47 -6.35
N LEU A 9 0.67 11.54 -7.39
CA LEU A 9 1.01 10.92 -8.65
C LEU A 9 2.30 11.49 -9.19
N ASP A 10 2.45 12.82 -9.14
CA ASP A 10 3.69 13.48 -9.61
C ASP A 10 4.93 13.01 -8.89
N GLU A 11 4.88 12.87 -7.56
CA GLU A 11 6.02 12.40 -6.80
C GLU A 11 6.47 11.03 -7.30
N ILE A 12 5.48 10.15 -7.51
CA ILE A 12 5.75 8.80 -7.99
C ILE A 12 6.28 8.84 -9.43
N LYS A 13 5.64 9.62 -10.31
CA LYS A 13 6.12 9.74 -11.68
C LYS A 13 7.58 10.15 -11.76
N GLN A 14 8.00 10.99 -10.82
CA GLN A 14 9.33 11.61 -10.83
C GLN A 14 10.41 10.75 -10.14
N SER A 15 10.01 9.61 -9.60
CA SER A 15 10.89 8.75 -8.83
C SER A 15 11.57 7.71 -9.66
N SER A 16 12.86 7.56 -9.45
CA SER A 16 13.63 6.42 -9.95
C SER A 16 13.29 5.19 -9.13
N ASN A 17 13.72 4.02 -9.60
CA ASN A 17 13.46 2.78 -8.84
C ASN A 17 14.17 2.86 -7.51
N GLN A 18 15.34 3.46 -7.50
CA GLN A 18 16.08 3.59 -6.27
C GLN A 18 15.30 4.37 -5.22
N GLU A 19 14.70 5.48 -5.66
CA GLU A 19 13.90 6.30 -4.76
C GLU A 19 12.65 5.55 -4.29
N LEU A 20 11.99 4.83 -5.19
CA LEU A 20 10.81 4.02 -4.80
C LEU A 20 11.15 2.97 -3.76
N GLU A 21 12.29 2.31 -3.97
CA GLU A 21 12.71 1.23 -3.06
C GLU A 21 12.94 1.77 -1.65
N SER A 22 13.54 2.96 -1.57
CA SER A 22 13.76 3.60 -0.27
C SER A 22 12.45 3.96 0.41
N SER A 23 11.51 4.53 -0.35
CA SER A 23 10.18 4.81 0.16
C SER A 23 9.50 3.53 0.66
N ILE A 24 9.53 2.47 -0.14
CA ILE A 24 8.89 1.17 0.23
C ILE A 24 9.52 0.62 1.52
N ASP A 25 10.85 0.62 1.59
CA ASP A 25 11.55 0.07 2.75
C ASP A 25 11.21 0.82 4.02
N GLN A 26 11.13 2.15 3.91
CA GLN A 26 10.87 2.95 5.10
C GLN A 26 9.43 2.84 5.58
N ILE A 27 8.49 2.77 4.65
CA ILE A 27 7.09 2.57 5.06
C ILE A 27 6.90 1.18 5.70
N LEU A 28 7.49 0.16 5.08
CA LEU A 28 7.42 -1.18 5.64
C LEU A 28 8.02 -1.23 7.04
N GLU A 29 9.20 -0.63 7.23
CA GLU A 29 9.84 -0.60 8.53
C GLU A 29 8.95 0.07 9.58
N SER A 30 8.30 1.17 9.18
CA SER A 30 7.37 1.84 10.08
C SER A 30 6.19 0.97 10.52
N ILE A 31 5.57 0.24 9.59
CA ILE A 31 4.40 -0.57 9.97
C ILE A 31 4.81 -1.80 10.80
N ILE A 32 5.98 -2.38 10.50
CA ILE A 32 6.49 -3.53 11.28
C ILE A 32 6.77 -3.09 12.72
N ASN A 33 7.36 -1.91 12.87
CA ASN A 33 7.62 -1.38 14.22
C ASN A 33 6.34 -1.05 15.00
N GLY A 34 5.34 -0.52 14.30
CA GLY A 34 4.11 -0.10 14.94
C GLY A 34 4.36 1.20 15.67
N GLY A 40 1.66 -5.45 26.84
CA GLY A 40 0.97 -6.46 27.65
C GLY A 40 1.82 -6.95 28.81
N SER A 41 1.80 -8.27 29.03
CA SER A 41 2.65 -8.90 30.04
C SER A 41 4.10 -8.91 29.58
N MET A 42 5.02 -9.26 30.47
CA MET A 42 6.43 -9.46 30.12
C MET A 42 6.62 -10.55 29.07
N LEU A 43 5.84 -11.62 29.20
CA LEU A 43 5.85 -12.70 28.22
C LEU A 43 5.42 -12.19 26.85
N ASN A 44 4.33 -11.42 26.83
CA ASN A 44 3.83 -10.81 25.58
C ASN A 44 4.88 -9.90 24.93
N LYS A 45 5.51 -9.05 25.74
CA LYS A 45 6.51 -8.07 25.29
C LYS A 45 7.73 -8.75 24.68
N PHE A 46 8.27 -9.71 25.42
CA PHE A 46 9.39 -10.48 24.96
C PHE A 46 9.04 -11.22 23.66
N THR A 47 7.91 -11.93 23.63
CA THR A 47 7.50 -12.69 22.43
C THR A 47 7.39 -11.75 21.21
N LYS A 48 6.76 -10.59 21.39
CA LYS A 48 6.62 -9.64 20.31
C LYS A 48 7.96 -9.14 19.79
N LYS A 49 8.90 -8.83 20.69
CA LYS A 49 10.25 -8.37 20.28
C LYS A 49 10.94 -9.43 19.41
N GLU A 50 10.85 -10.68 19.84
CA GLU A 50 11.43 -11.77 19.08
C GLU A 50 10.79 -11.88 17.70
N GLN A 51 9.47 -11.65 17.62
CA GLN A 51 8.74 -11.82 16.35
C GLN A 51 9.09 -10.73 15.35
N ILE A 52 9.24 -9.51 15.88
CA ILE A 52 9.56 -8.36 15.04
C ILE A 52 10.97 -8.53 14.48
N LEU A 53 11.90 -8.97 15.33
CA LEU A 53 13.28 -9.20 14.87
C LEU A 53 13.33 -10.30 13.81
N SER A 54 12.58 -11.38 14.01
CA SER A 54 12.50 -12.46 13.03
C SER A 54 11.93 -11.95 11.71
N GLU A 55 10.86 -11.18 11.79
CA GLU A 55 10.23 -10.71 10.57
C GLU A 55 11.17 -9.79 9.80
N LYS A 56 11.92 -8.95 10.53
CA LYS A 56 12.85 -8.04 9.87
C LYS A 56 13.97 -8.78 9.13
N GLN A 57 14.41 -9.89 9.70
CA GLN A 57 15.37 -10.75 8.99
C GLN A 57 14.77 -11.31 7.72
N GLN A 58 13.51 -11.73 7.78
CA GLN A 58 12.90 -12.32 6.61
C GLN A 58 12.65 -11.28 5.50
N ILE A 59 12.27 -10.07 5.89
CA ILE A 59 12.02 -8.98 4.94
C ILE A 59 13.28 -8.68 4.11
N LYS A 60 14.46 -8.83 4.72
CA LYS A 60 15.71 -8.63 4.01
C LYS A 60 15.83 -9.53 2.78
N GLN A 61 15.19 -10.70 2.82
CA GLN A 61 15.25 -11.63 1.69
C GLN A 61 14.25 -11.37 0.56
N LEU A 62 13.32 -10.44 0.80
CA LEU A 62 12.28 -10.11 -0.16
C LEU A 62 12.75 -9.08 -1.18
N SER A 63 12.22 -9.18 -2.40
CA SER A 63 12.46 -8.16 -3.45
C SER A 63 11.68 -6.88 -3.15
N PRO A 64 11.95 -5.79 -3.89
CA PRO A 64 11.22 -4.56 -3.63
C PRO A 64 9.72 -4.71 -3.83
N LEU A 65 9.32 -5.45 -4.87
CA LEU A 65 7.88 -5.65 -5.10
C LEU A 65 7.25 -6.49 -3.99
N GLN A 66 7.99 -7.49 -3.53
CA GLN A 66 7.48 -8.33 -2.42
C GLN A 66 7.32 -7.53 -1.15
N ARG A 67 8.31 -6.70 -0.83
CA ARG A 67 8.22 -5.78 0.31
C ARG A 67 6.99 -4.87 0.17
N ALA A 68 6.77 -4.35 -1.03
CA ALA A 68 5.63 -3.47 -1.27
C ALA A 68 4.29 -4.20 -1.04
N ALA A 69 4.20 -5.44 -1.52
CA ALA A 69 2.97 -6.20 -1.32
C ALA A 69 2.71 -6.46 0.18
N LEU A 70 3.75 -6.85 0.91
CA LEU A 70 3.63 -7.01 2.35
C LEU A 70 3.21 -5.74 3.03
N ALA A 71 3.87 -4.63 2.70
CA ALA A 71 3.51 -3.33 3.29
C ALA A 71 2.04 -2.98 3.01
N LEU A 72 1.60 -3.24 1.79
CA LEU A 72 0.22 -2.88 1.38
C LEU A 72 -0.80 -3.69 2.17
N LYS A 73 -0.56 -4.99 2.32
CA LYS A 73 -1.42 -5.83 3.14
C LYS A 73 -1.47 -5.28 4.58
N LYS A 74 -0.31 -4.96 5.12
CA LYS A 74 -0.25 -4.53 6.50
C LYS A 74 -0.92 -3.17 6.72
N LEU A 75 -0.74 -2.25 5.78
CA LEU A 75 -1.44 -0.95 5.86
C LEU A 75 -2.96 -1.09 5.73
N GLU A 76 -3.40 -1.94 4.80
CA GLU A 76 -4.83 -2.19 4.65
C GLU A 76 -5.44 -2.82 5.89
N THR A 77 -4.71 -3.74 6.50
CA THR A 77 -5.21 -4.38 7.72
C THR A 77 -5.35 -3.35 8.82
N LYS A 78 -4.35 -2.49 8.93
CA LYS A 78 -4.38 -1.49 9.97
C LYS A 78 -5.55 -0.52 9.74
N LEU A 79 -5.78 -0.16 8.48
CA LEU A 79 -6.88 0.74 8.13
C LEU A 79 -8.23 0.08 8.42
N ASN A 80 -8.37 -1.18 8.00
CA ASN A 80 -9.60 -1.93 8.23
C ASN A 80 -9.92 -2.06 9.70
N ASN A 81 -8.89 -2.26 10.51
CA ASN A 81 -9.09 -2.40 11.96
C ASN A 81 -9.53 -1.08 12.55
N THR A 82 -8.89 0.00 12.09
CA THR A 82 -9.15 1.35 12.56
C THR A 82 -10.61 1.69 12.21
N LEU A 83 -11.04 1.30 11.01
CA LEU A 83 -12.41 1.54 10.52
C LEU A 83 -13.46 0.49 10.91
N HIS A 84 -13.04 -0.50 11.71
CA HIS A 84 -13.91 -1.64 12.08
C HIS A 84 -14.56 -2.34 10.87
N GLU A 85 -13.80 -2.48 9.78
CA GLU A 85 -14.29 -3.15 8.55
C GLU A 85 -13.84 -4.60 8.50
N ASN B 1 -2.33 -13.04 13.75
CA ASN B 1 -1.33 -13.57 14.73
C ASN B 1 0.03 -13.80 14.06
N SER B 2 1.04 -14.22 14.84
CA SER B 2 2.39 -14.38 14.31
C SER B 2 2.51 -15.48 13.25
N ALA B 3 1.89 -16.64 13.52
CA ALA B 3 1.85 -17.76 12.58
C ALA B 3 1.27 -17.35 11.24
N LEU B 4 0.17 -16.58 11.24
CA LEU B 4 -0.41 -16.18 9.96
C LEU B 4 0.45 -15.14 9.26
N GLU B 5 1.13 -14.30 10.04
CA GLU B 5 2.09 -13.34 9.46
C GLU B 5 3.25 -14.05 8.75
N ALA B 6 3.84 -15.05 9.41
CA ALA B 6 4.91 -15.88 8.81
C ALA B 6 4.41 -16.54 7.54
N LYS B 7 3.17 -17.03 7.59
CA LYS B 7 2.53 -17.66 6.42
C LYS B 7 2.41 -16.68 5.24
N LEU B 8 1.96 -15.47 5.51
CA LEU B 8 1.80 -14.47 4.47
C LEU B 8 3.14 -14.11 3.83
N LEU B 9 4.15 -13.92 4.65
CA LEU B 9 5.47 -13.58 4.13
C LEU B 9 5.98 -14.68 3.20
N ASP B 10 5.82 -15.94 3.60
CA ASP B 10 6.23 -17.07 2.78
C ASP B 10 5.44 -17.09 1.46
N GLU B 11 4.13 -16.85 1.52
CA GLU B 11 3.32 -16.83 0.31
C GLU B 11 3.78 -15.73 -0.64
N ILE B 12 4.01 -14.53 -0.12
CA ILE B 12 4.52 -13.39 -0.93
C ILE B 12 5.88 -13.73 -1.59
N LYS B 13 6.79 -14.31 -0.82
CA LYS B 13 8.10 -14.69 -1.34
C LYS B 13 8.00 -15.70 -2.49
N GLN B 14 7.04 -16.61 -2.38
CA GLN B 14 6.84 -17.67 -3.37
C GLN B 14 6.05 -17.21 -4.58
N SER B 15 5.45 -16.02 -4.51
CA SER B 15 4.53 -15.55 -5.55
C SER B 15 5.25 -15.00 -6.76
N SER B 16 4.62 -15.09 -7.92
CA SER B 16 5.22 -14.49 -9.09
C SER B 16 5.01 -12.99 -9.07
N ASN B 17 5.84 -12.25 -9.81
CA ASN B 17 5.60 -10.81 -9.92
C ASN B 17 4.22 -10.46 -10.47
N GLN B 18 3.71 -11.22 -11.44
CA GLN B 18 2.39 -10.94 -12.01
C GLN B 18 1.32 -11.11 -10.95
N GLU B 19 1.47 -12.12 -10.10
CA GLU B 19 0.54 -12.35 -8.97
C GLU B 19 0.50 -11.15 -8.04
N LEU B 20 1.69 -10.65 -7.66
CA LEU B 20 1.77 -9.52 -6.75
C LEU B 20 1.21 -8.27 -7.43
N GLU B 21 1.50 -8.11 -8.71
CA GLU B 21 1.09 -6.92 -9.47
C GLU B 21 -0.44 -6.93 -9.61
N SER B 22 -1.00 -8.11 -9.83
CA SER B 22 -2.45 -8.21 -9.96
C SER B 22 -3.13 -7.76 -8.69
N SER B 23 -2.63 -8.19 -7.53
CA SER B 23 -3.19 -7.74 -6.24
CA SER B 23 -3.18 -7.74 -6.24
C SER B 23 -3.02 -6.23 -6.05
N ILE B 24 -1.80 -5.73 -6.27
CA ILE B 24 -1.51 -4.31 -6.09
C ILE B 24 -2.42 -3.45 -7.01
N ASP B 25 -2.55 -3.88 -8.25
CA ASP B 25 -3.29 -3.09 -9.22
C ASP B 25 -4.75 -3.06 -8.85
N GLN B 26 -5.24 -4.18 -8.35
CA GLN B 26 -6.64 -4.24 -7.98
C GLN B 26 -6.90 -3.39 -6.76
N ILE B 27 -5.96 -3.39 -5.82
CA ILE B 27 -6.11 -2.54 -4.64
C ILE B 27 -6.08 -1.09 -5.09
N LEU B 28 -5.17 -0.75 -5.98
CA LEU B 28 -5.10 0.61 -6.48
C LEU B 28 -6.41 1.05 -7.15
N GLU B 29 -6.99 0.18 -7.98
CA GLU B 29 -8.28 0.42 -8.61
C GLU B 29 -9.36 0.72 -7.59
N SER B 30 -9.38 -0.06 -6.51
CA SER B 30 -10.41 0.02 -5.49
C SER B 30 -10.34 1.37 -4.79
N ILE B 31 -9.12 1.89 -4.65
CA ILE B 31 -8.87 3.23 -4.11
C ILE B 31 -9.37 4.33 -5.06
N ILE B 32 -8.98 4.27 -6.33
CA ILE B 32 -9.37 5.28 -7.32
C ILE B 32 -10.89 5.39 -7.41
N ASN B 33 -11.56 4.22 -7.40
CA ASN B 33 -13.00 4.17 -7.63
C ASN B 33 -13.85 4.41 -6.37
N GLY B 34 -13.18 4.51 -5.22
CA GLY B 34 -13.85 4.55 -3.91
C GLY B 34 -14.71 5.74 -3.52
N GLY B 35 -14.78 6.79 -4.35
CA GLY B 35 -15.56 8.00 -4.01
C GLY B 35 -17.02 8.04 -4.48
N GLY B 36 -17.60 9.24 -4.43
CA GLY B 36 -18.99 9.47 -4.82
C GLY B 36 -19.19 9.95 -6.26
N SER B 37 -20.41 10.44 -6.54
CA SER B 37 -20.80 10.88 -7.89
C SER B 37 -20.06 12.16 -8.31
N GLY B 38 -19.58 12.92 -7.33
CA GLY B 38 -18.87 14.17 -7.60
C GLY B 38 -19.73 15.42 -7.41
N GLY B 39 -20.96 15.22 -6.96
CA GLY B 39 -21.89 16.34 -6.77
C GLY B 39 -23.19 16.21 -7.55
N GLY B 40 -24.10 17.14 -7.30
CA GLY B 40 -25.44 17.09 -7.87
C GLY B 40 -25.57 17.39 -9.36
N SER B 41 -24.69 18.24 -9.89
CA SER B 41 -24.91 18.72 -11.24
C SER B 41 -24.34 17.76 -12.28
N MET B 42 -24.83 17.86 -13.51
CA MET B 42 -24.26 17.08 -14.60
C MET B 42 -22.80 17.43 -14.80
N LEU B 43 -22.49 18.73 -14.73
CA LEU B 43 -21.07 19.13 -14.85
C LEU B 43 -20.19 18.58 -13.74
N ASN B 44 -20.71 18.53 -12.51
CA ASN B 44 -20.00 17.93 -11.38
C ASN B 44 -19.63 16.47 -11.67
N LYS B 45 -20.63 15.72 -12.11
CA LYS B 45 -20.45 14.27 -12.36
C LYS B 45 -19.47 14.03 -13.51
N PHE B 46 -19.61 14.86 -14.55
CA PHE B 46 -18.73 14.80 -15.74
C PHE B 46 -17.27 15.10 -15.36
N THR B 47 -17.07 16.16 -14.59
CA THR B 47 -15.74 16.55 -14.17
C THR B 47 -15.04 15.44 -13.35
N LYS B 48 -15.78 14.84 -12.42
CA LYS B 48 -15.32 13.69 -11.65
C LYS B 48 -14.92 12.53 -12.58
N LYS B 49 -15.79 12.21 -13.55
CA LYS B 49 -15.49 11.13 -14.50
C LYS B 49 -14.14 11.38 -15.21
N GLU B 50 -13.92 12.61 -15.65
CA GLU B 50 -12.74 12.90 -16.47
C GLU B 50 -11.47 12.86 -15.62
N GLN B 51 -11.61 13.29 -14.37
CA GLN B 51 -10.52 13.19 -13.40
C GLN B 51 -10.06 11.77 -13.18
N ILE B 52 -11.01 10.86 -13.00
CA ILE B 52 -10.73 9.44 -12.75
C ILE B 52 -10.11 8.82 -13.99
N LEU B 53 -10.67 9.13 -15.15
CA LEU B 53 -10.07 8.69 -16.41
C LEU B 53 -8.61 9.15 -16.54
N SER B 54 -8.33 10.40 -16.15
CA SER B 54 -6.95 10.91 -16.21
C SER B 54 -6.03 10.12 -15.26
N GLU B 55 -6.50 9.91 -14.03
CA GLU B 55 -5.75 9.09 -13.04
C GLU B 55 -5.48 7.68 -13.59
N LYS B 56 -6.51 7.03 -14.14
CA LYS B 56 -6.33 5.71 -14.72
C LYS B 56 -5.30 5.70 -15.86
N GLN B 57 -5.34 6.72 -16.71
CA GLN B 57 -4.40 6.85 -17.82
C GLN B 57 -2.98 6.98 -17.28
N GLN B 58 -2.79 7.79 -16.25
CA GLN B 58 -1.48 8.00 -15.69
C GLN B 58 -0.96 6.72 -15.07
N ILE B 59 -1.83 6.04 -14.33
CA ILE B 59 -1.44 4.81 -13.66
C ILE B 59 -1.03 3.72 -14.66
N LYS B 60 -1.74 3.65 -15.78
CA LYS B 60 -1.43 2.69 -16.85
C LYS B 60 0.02 2.82 -17.35
N GLN B 61 0.55 4.04 -17.31
CA GLN B 61 1.90 4.34 -17.82
C GLN B 61 2.99 4.14 -16.77
N LEU B 62 2.59 3.91 -15.51
CA LEU B 62 3.53 3.65 -14.44
C LEU B 62 4.09 2.24 -14.47
N SER B 63 5.29 2.06 -13.94
CA SER B 63 5.83 0.70 -13.77
C SER B 63 5.12 -0.03 -12.62
N PRO B 64 5.22 -1.36 -12.57
CA PRO B 64 4.67 -2.09 -11.42
C PRO B 64 5.12 -1.53 -10.06
N LEU B 65 6.40 -1.15 -9.96
CA LEU B 65 6.90 -0.68 -8.68
C LEU B 65 6.38 0.72 -8.39
N GLN B 66 6.24 1.55 -9.43
CA GLN B 66 5.62 2.88 -9.23
C GLN B 66 4.18 2.73 -8.71
N ARG B 67 3.45 1.81 -9.30
CA ARG B 67 2.06 1.56 -8.84
C ARG B 67 2.04 1.10 -7.37
N ALA B 68 2.96 0.23 -6.99
CA ALA B 68 3.00 -0.30 -5.64
C ALA B 68 3.28 0.85 -4.67
N ALA B 69 4.29 1.65 -5.01
CA ALA B 69 4.67 2.76 -4.16
C ALA B 69 3.55 3.79 -4.03
N LEU B 70 2.80 4.01 -5.12
CA LEU B 70 1.65 4.95 -5.12
C LEU B 70 0.55 4.45 -4.17
N ALA B 71 0.20 3.18 -4.27
CA ALA B 71 -0.77 2.57 -3.34
C ALA B 71 -0.34 2.75 -1.90
N LEU B 72 0.94 2.50 -1.61
CA LEU B 72 1.41 2.55 -0.21
C LEU B 72 1.33 3.96 0.30
N LYS B 73 1.79 4.90 -0.52
CA LYS B 73 1.71 6.32 -0.12
C LYS B 73 0.30 6.78 0.15
N LYS B 74 -0.63 6.39 -0.70
CA LYS B 74 -2.00 6.72 -0.54
C LYS B 74 -2.60 6.15 0.76
N LEU B 75 -2.34 4.89 1.03
CA LEU B 75 -2.86 4.30 2.27
C LEU B 75 -2.21 4.88 3.53
N GLU B 76 -0.93 5.22 3.44
CA GLU B 76 -0.24 5.86 4.58
C GLU B 76 -0.93 7.19 4.90
N THR B 77 -1.20 7.94 3.84
CA THR B 77 -1.90 9.20 3.91
C THR B 77 -3.33 9.01 4.48
N LYS B 78 -4.05 8.00 4.00
CA LYS B 78 -5.37 7.71 4.51
C LYS B 78 -5.32 7.36 6.01
N LEU B 79 -4.35 6.55 6.42
CA LEU B 79 -4.20 6.19 7.82
C LEU B 79 -3.91 7.39 8.70
N ASN B 80 -2.99 8.22 8.25
CA ASN B 80 -2.68 9.47 8.94
C ASN B 80 -3.94 10.32 9.15
N ASN B 81 -4.78 10.37 8.13
CA ASN B 81 -5.97 11.21 8.19
C ASN B 81 -7.06 10.54 9.04
N THR B 82 -6.93 9.23 9.27
CA THR B 82 -7.92 8.46 10.04
C THR B 82 -7.56 8.32 11.52
N LEU B 83 -6.30 7.95 11.83
CA LEU B 83 -5.83 7.87 13.21
C LEU B 83 -5.79 9.25 13.89
N HIS B 84 -6.30 9.31 15.12
CA HIS B 84 -6.37 10.56 15.87
C HIS B 84 -6.34 10.31 17.37
S SO4 C . 16.67 3.40 -11.55
O1 SO4 C . 16.99 3.49 -10.11
O2 SO4 C . 17.69 4.16 -12.35
O3 SO4 C . 15.36 3.96 -11.89
O4 SO4 C . 16.73 1.98 -12.00
S SO4 D . 3.88 -9.53 34.04
O1 SO4 D . 4.69 -9.15 35.22
O2 SO4 D . 4.35 -10.84 33.55
O3 SO4 D . 4.04 -8.50 32.99
O4 SO4 D . 2.45 -9.63 34.41
S SO4 E . -17.31 12.66 -3.71
O1 SO4 E . -16.80 13.80 -2.91
O2 SO4 E . -16.92 12.83 -5.12
O3 SO4 E . -18.79 12.59 -3.61
O4 SO4 E . -16.71 11.41 -3.19
#